data_5KW2
#
_entry.id   5KW2
#
_cell.length_a   147.654
_cell.length_b   55.950
_cell.length_c   80.313
_cell.angle_alpha   90.000
_cell.angle_beta   93.770
_cell.angle_gamma   90.000
#
_symmetry.space_group_name_H-M   'C 1 2 1'
#
loop_
_entity.id
_entity.type
_entity.pdbx_description
1 polymer 'Free fatty acid receptor 1,Lysozyme,Free fatty acid receptor 1'
2 non-polymer '(3~{S})-3-cyclopropyl-3-[2-[1-[2-[2,2-dimethylpropyl-(6-methylpyridin-2-yl)carbamoyl]-5-methoxy-phenyl]piperidin-4-yl]-1-benzofuran-6-yl]propanoic acid'
3 water water
#
_entity_poly.entity_id   1
_entity_poly.type   'polypeptide(L)'
_entity_poly.pdbx_seq_one_letter_code
;MDYKDDDDKGSATMDLPPQLSFGLYVAAFALGFPLNVLAIRGATAHARLRLTPSAVYALNLGCSDLLLTVSLPLKAVEAL
ASGAWPLPASLCPVFAVAHFAPLYAGGGFLAALSAARYLGAAFPLGYQAFRRPCYSWGVCAAIWALVLCHLGLVFGLEAP
GGWLDHSNTSLGINTPVNGSPVCLEAWDPASAGPARFSLSLLLFFLPLAITAFCFVGCLRALARGSNIFEMLRIDEGLRL
KIYKDTEGYYTIGIGHLLTKSPSLNAAKSELDKAIGRNTNGVITKDEAEKLFNQDVDAAVRGILRNAKLKPVYDSLDAVR
RAALINMVFQMGETGVAGFTNSLRMLQQKRWDEAAVNLAKSRWYNQTPNRAKRVITTFRTGTWDAYGSLTHRRKLRAAWV
AGGALLTLLLCVGPYNASNVASFLYPNLGGSWRKLGLITGAWSVVLNPLVTGYLGRGPGLKTVCAARTQGGKSQKAENLY
FQGHHHHHHHH
;
_entity_poly.pdbx_strand_id   A
#
# COMPACT_ATOMS: atom_id res chain seq x y z
N LEU A 16 23.09 -25.15 17.53
CA LEU A 16 24.56 -25.04 17.81
C LEU A 16 25.40 -26.10 17.05
N PRO A 17 25.10 -27.41 17.24
CA PRO A 17 25.86 -28.42 16.50
C PRO A 17 25.61 -28.33 14.98
N PRO A 18 26.63 -28.67 14.15
CA PRO A 18 26.54 -28.53 12.70
C PRO A 18 25.43 -29.35 12.06
N GLN A 19 25.04 -30.44 12.72
CA GLN A 19 23.94 -31.29 12.26
C GLN A 19 22.59 -30.58 12.38
N LEU A 20 22.43 -29.80 13.44
CA LEU A 20 21.22 -29.00 13.65
C LEU A 20 21.17 -27.80 12.69
N SER A 21 22.33 -27.19 12.44
CA SER A 21 22.46 -26.14 11.43
C SER A 21 22.03 -26.67 10.07
N PHE A 22 22.57 -27.84 9.72
CA PHE A 22 22.25 -28.52 8.47
C PHE A 22 20.73 -28.69 8.30
N GLY A 23 20.09 -29.23 9.34
CA GLY A 23 18.65 -29.53 9.29
C GLY A 23 17.76 -28.32 9.10
N LEU A 24 18.11 -27.22 9.77
CA LEU A 24 17.33 -25.97 9.68
C LEU A 24 17.40 -25.33 8.30
N TYR A 25 18.54 -25.48 7.62
CA TYR A 25 18.69 -25.04 6.25
C TYR A 25 17.84 -25.89 5.31
N VAL A 26 17.86 -27.19 5.54
CA VAL A 26 17.11 -28.14 4.73
C VAL A 26 15.62 -27.89 4.88
N ALA A 27 15.19 -27.67 6.12
CA ALA A 27 13.81 -27.34 6.43
C ALA A 27 13.37 -26.11 5.63
N ALA A 28 14.22 -25.08 5.63
CA ALA A 28 13.98 -23.83 4.90
C ALA A 28 13.87 -24.06 3.40
N PHE A 29 14.73 -24.92 2.86
CA PHE A 29 14.66 -25.30 1.45
C PHE A 29 13.37 -26.06 1.18
N ALA A 30 13.15 -27.10 1.98
CA ALA A 30 12.02 -28.02 1.81
C ALA A 30 10.66 -27.32 1.95
N LEU A 31 10.58 -26.34 2.84
CA LEU A 31 9.37 -25.53 2.98
C LEU A 31 9.35 -24.42 1.93
N GLY A 32 10.51 -23.84 1.69
CA GLY A 32 10.66 -22.70 0.78
C GLY A 32 10.21 -22.96 -0.64
N PHE A 33 10.68 -24.07 -1.22
CA PHE A 33 10.41 -24.36 -2.63
C PHE A 33 8.91 -24.44 -2.99
N PRO A 34 8.14 -25.34 -2.33
CA PRO A 34 6.71 -25.38 -2.65
C PRO A 34 5.99 -24.06 -2.38
N LEU A 35 6.19 -23.51 -1.18
CA LEU A 35 5.50 -22.29 -0.75
C LEU A 35 5.69 -21.12 -1.70
N ASN A 36 6.86 -21.03 -2.33
CA ASN A 36 7.14 -19.97 -3.27
C ASN A 36 6.61 -20.19 -4.68
N VAL A 37 6.57 -21.44 -5.12
CA VAL A 37 5.92 -21.78 -6.37
C VAL A 37 4.42 -21.52 -6.25
N LEU A 38 3.85 -21.91 -5.10
CA LEU A 38 2.45 -21.64 -4.80
C LEU A 38 2.17 -20.15 -4.74
N ALA A 39 3.13 -19.41 -4.18
CA ALA A 39 3.04 -17.95 -4.11
C ALA A 39 2.99 -17.34 -5.51
N ILE A 40 3.88 -17.78 -6.40
CA ILE A 40 3.91 -17.27 -7.77
C ILE A 40 2.59 -17.50 -8.51
N ARG A 41 2.04 -18.71 -8.41
CA ARG A 41 0.75 -19.01 -9.03
C ARG A 41 -0.35 -18.12 -8.48
N GLY A 42 -0.38 -17.95 -7.16
CA GLY A 42 -1.36 -17.09 -6.49
C GLY A 42 -1.26 -15.64 -6.94
N ALA A 43 -0.04 -15.20 -7.23
CA ALA A 43 0.21 -13.83 -7.70
C ALA A 43 -0.17 -13.65 -9.17
N THR A 44 -0.04 -14.71 -9.96
CA THR A 44 -0.35 -14.66 -11.40
C THR A 44 -1.85 -14.83 -11.66
N ALA A 45 -2.58 -15.36 -10.69
CA ALA A 45 -4.03 -15.51 -10.78
C ALA A 45 -4.76 -14.21 -10.46
N THR A 52 -2.76 -5.16 -10.14
CA THR A 52 -2.50 -4.51 -8.85
C THR A 52 -1.01 -4.59 -8.49
N PRO A 53 -0.48 -3.56 -7.80
CA PRO A 53 0.93 -3.51 -7.41
C PRO A 53 1.38 -4.60 -6.45
N SER A 54 0.51 -5.03 -5.54
CA SER A 54 0.82 -6.09 -4.58
C SER A 54 1.24 -7.40 -5.25
N ALA A 55 0.56 -7.74 -6.34
CA ALA A 55 0.86 -8.95 -7.10
C ALA A 55 2.26 -8.90 -7.70
N VAL A 56 2.61 -7.74 -8.28
CA VAL A 56 3.93 -7.53 -8.89
C VAL A 56 5.05 -7.72 -7.86
N TYR A 57 4.87 -7.15 -6.68
CA TYR A 57 5.86 -7.26 -5.62
C TYR A 57 5.95 -8.67 -5.06
N ALA A 58 4.81 -9.34 -4.93
CA ALA A 58 4.76 -10.74 -4.52
C ALA A 58 5.40 -11.66 -5.56
N LEU A 59 5.24 -11.32 -6.84
CA LEU A 59 5.82 -12.09 -7.93
C LEU A 59 7.34 -12.04 -7.92
N ASN A 60 7.88 -10.82 -7.75
CA ASN A 60 9.32 -10.63 -7.68
C ASN A 60 9.91 -11.19 -6.40
N LEU A 61 9.13 -11.16 -5.32
CA LEU A 61 9.53 -11.75 -4.05
C LEU A 61 9.58 -13.28 -4.15
N GLY A 62 8.61 -13.86 -4.85
CA GLY A 62 8.58 -15.29 -5.08
C GLY A 62 9.76 -15.79 -5.90
N CYS A 63 10.16 -15.00 -6.89
CA CYS A 63 11.29 -15.33 -7.76
C CYS A 63 12.63 -15.24 -7.03
N SER A 64 12.84 -14.13 -6.30
CA SER A 64 14.07 -13.95 -5.52
C SER A 64 14.16 -15.02 -4.43
N ASP A 65 13.01 -15.43 -3.90
CA ASP A 65 12.96 -16.52 -2.93
C ASP A 65 13.41 -17.83 -3.55
N LEU A 66 13.06 -18.05 -4.82
CA LEU A 66 13.45 -19.26 -5.54
C LEU A 66 14.96 -19.35 -5.78
N LEU A 67 15.56 -18.24 -6.22
CA LEU A 67 17.00 -18.17 -6.41
C LEU A 67 17.76 -18.40 -5.10
N LEU A 68 17.20 -17.87 -4.00
CA LEU A 68 17.75 -18.09 -2.68
C LEU A 68 17.61 -19.55 -2.26
N THR A 69 16.47 -20.15 -2.60
CA THR A 69 16.19 -21.55 -2.29
C THR A 69 17.15 -22.49 -3.03
N VAL A 70 17.47 -22.16 -4.28
CA VAL A 70 18.35 -22.97 -5.12
C VAL A 70 19.80 -23.01 -4.60
N SER A 71 20.20 -21.98 -3.87
CA SER A 71 21.55 -21.90 -3.30
C SER A 71 21.64 -22.56 -1.92
N LEU A 72 20.49 -22.87 -1.33
CA LEU A 72 20.44 -23.47 0.00
C LEU A 72 21.06 -24.87 0.12
N PRO A 73 20.84 -25.75 -0.88
CA PRO A 73 21.52 -27.06 -0.76
C PRO A 73 23.03 -26.93 -0.59
N LEU A 74 23.65 -25.99 -1.32
CA LEU A 74 25.08 -25.72 -1.17
C LEU A 74 25.40 -25.05 0.17
N LYS A 75 24.51 -24.17 0.62
CA LYS A 75 24.65 -23.53 1.93
C LYS A 75 24.55 -24.57 3.06
N ALA A 76 23.70 -25.56 2.86
CA ALA A 76 23.46 -26.60 3.86
C ALA A 76 24.67 -27.51 4.05
N VAL A 77 25.28 -27.94 2.95
CA VAL A 77 26.45 -28.81 3.03
C VAL A 77 27.66 -28.09 3.66
N GLU A 78 27.74 -26.78 3.46
CA GLU A 78 28.80 -25.96 4.07
C GLU A 78 28.65 -25.92 5.59
N ALA A 79 27.42 -25.78 6.06
CA ALA A 79 27.13 -25.77 7.49
C ALA A 79 27.37 -27.13 8.14
N LEU A 80 27.09 -28.20 7.38
CA LEU A 80 27.32 -29.57 7.83
C LEU A 80 28.81 -29.86 8.03
N ALA A 81 29.65 -29.24 7.19
CA ALA A 81 31.10 -29.40 7.24
C ALA A 81 31.77 -28.35 8.13
N SER A 82 31.01 -27.82 9.10
CA SER A 82 31.50 -26.81 10.06
C SER A 82 32.22 -25.63 9.41
N GLY A 83 31.68 -25.16 8.28
CA GLY A 83 32.26 -24.01 7.60
C GLY A 83 33.11 -24.34 6.39
N ALA A 84 33.47 -25.61 6.25
CA ALA A 84 34.31 -26.06 5.14
C ALA A 84 33.62 -25.85 3.79
N TRP A 85 34.31 -25.18 2.89
CA TRP A 85 33.82 -24.91 1.54
C TRP A 85 34.24 -26.06 0.62
N PRO A 86 33.26 -26.86 0.15
CA PRO A 86 33.51 -28.10 -0.60
C PRO A 86 33.79 -27.87 -2.10
N LEU A 87 33.82 -26.62 -2.52
CA LEU A 87 34.06 -26.28 -3.91
C LEU A 87 35.38 -25.52 -4.07
N PRO A 88 35.87 -25.36 -5.32
CA PRO A 88 37.06 -24.53 -5.53
C PRO A 88 36.92 -23.14 -4.94
N ALA A 89 37.98 -22.65 -4.30
CA ALA A 89 37.97 -21.37 -3.61
C ALA A 89 37.50 -20.19 -4.47
N SER A 90 37.69 -20.28 -5.78
CA SER A 90 37.31 -19.21 -6.70
C SER A 90 35.80 -19.10 -6.90
N LEU A 91 35.07 -20.16 -6.55
CA LEU A 91 33.60 -20.18 -6.68
C LEU A 91 32.89 -19.58 -5.47
N CYS A 92 33.62 -19.39 -4.37
CA CYS A 92 33.06 -18.84 -3.15
C CYS A 92 32.49 -17.42 -3.31
N PRO A 93 33.22 -16.51 -3.99
CA PRO A 93 32.65 -15.17 -4.24
C PRO A 93 31.36 -15.20 -5.07
N VAL A 94 31.30 -16.10 -6.05
CA VAL A 94 30.14 -16.22 -6.94
C VAL A 94 28.92 -16.75 -6.18
N PHE A 95 29.15 -17.74 -5.31
CA PHE A 95 28.11 -18.27 -4.45
C PHE A 95 27.64 -17.24 -3.42
N ALA A 96 28.57 -16.42 -2.92
CA ALA A 96 28.25 -15.33 -1.99
C ALA A 96 27.24 -14.36 -2.59
N VAL A 97 27.47 -14.00 -3.86
CA VAL A 97 26.54 -13.15 -4.60
C VAL A 97 25.21 -13.90 -4.81
N ALA A 98 25.29 -15.11 -5.36
CA ALA A 98 24.10 -15.90 -5.69
C ALA A 98 23.20 -16.23 -4.48
N HIS A 99 23.76 -16.10 -3.28
CA HIS A 99 23.04 -16.37 -2.05
C HIS A 99 22.53 -15.07 -1.42
N PHE A 100 23.41 -14.08 -1.31
CA PHE A 100 23.07 -12.82 -0.65
C PHE A 100 22.24 -11.89 -1.52
N ALA A 101 22.41 -11.97 -2.84
CA ALA A 101 21.64 -11.12 -3.77
C ALA A 101 20.14 -11.33 -3.63
N PRO A 102 19.63 -12.56 -3.84
CA PRO A 102 18.20 -12.81 -3.67
C PRO A 102 17.72 -12.58 -2.22
N LEU A 103 18.64 -12.67 -1.27
CA LEU A 103 18.36 -12.42 0.14
C LEU A 103 18.02 -10.95 0.39
N TYR A 104 18.91 -10.06 -0.04
CA TYR A 104 18.72 -8.62 0.13
C TYR A 104 17.55 -8.10 -0.70
N ALA A 105 17.44 -8.61 -1.93
CA ALA A 105 16.31 -8.27 -2.81
C ALA A 105 14.99 -8.58 -2.12
N GLY A 106 14.93 -9.75 -1.46
CA GLY A 106 13.78 -10.13 -0.65
C GLY A 106 13.33 -9.04 0.30
N GLY A 107 14.28 -8.49 1.05
CA GLY A 107 14.02 -7.39 1.97
C GLY A 107 13.40 -6.18 1.28
N GLY A 108 14.03 -5.75 0.19
CA GLY A 108 13.59 -4.57 -0.56
C GLY A 108 12.19 -4.70 -1.14
N PHE A 109 11.86 -5.88 -1.63
CA PHE A 109 10.51 -6.14 -2.13
C PHE A 109 9.49 -6.01 -1.00
N LEU A 110 9.83 -6.56 0.16
CA LEU A 110 9.01 -6.39 1.37
C LEU A 110 8.84 -4.92 1.73
N ALA A 111 9.92 -4.15 1.55
CA ALA A 111 9.88 -2.70 1.76
C ALA A 111 9.05 -1.99 0.68
N ALA A 112 9.17 -2.44 -0.55
CA ALA A 112 8.39 -1.88 -1.65
C ALA A 112 6.91 -2.20 -1.48
N LEU A 113 6.62 -3.46 -1.13
CA LEU A 113 5.26 -3.95 -0.88
C LEU A 113 4.59 -3.20 0.26
N SER A 114 5.33 -2.97 1.34
CA SER A 114 4.80 -2.24 2.49
CA SER A 114 4.82 -2.24 2.49
C SER A 114 4.52 -0.78 2.12
N ALA A 115 5.33 -0.24 1.22
CA ALA A 115 5.15 1.13 0.73
C ALA A 115 3.87 1.24 -0.09
N ALA A 116 3.66 0.27 -0.98
CA ALA A 116 2.45 0.22 -1.80
C ALA A 116 1.21 0.08 -0.91
N ARG A 117 1.32 -0.76 0.11
CA ARG A 117 0.24 -0.93 1.08
C ARG A 117 -0.02 0.35 1.87
N TYR A 118 1.05 0.98 2.34
CA TYR A 118 0.94 2.24 3.08
C TYR A 118 0.27 3.33 2.23
N LEU A 119 0.81 3.58 1.03
CA LEU A 119 0.25 4.59 0.12
C LEU A 119 -1.22 4.32 -0.21
N GLY A 120 -1.55 3.04 -0.40
CA GLY A 120 -2.93 2.61 -0.58
C GLY A 120 -3.82 2.87 0.62
N ALA A 121 -3.26 2.70 1.81
CA ALA A 121 -4.00 2.88 3.06
C ALA A 121 -4.13 4.35 3.47
N ALA A 122 -3.05 5.10 3.37
CA ALA A 122 -3.02 6.49 3.81
C ALA A 122 -3.63 7.44 2.77
N PHE A 123 -3.24 7.30 1.51
CA PHE A 123 -3.69 8.21 0.46
C PHE A 123 -4.34 7.45 -0.69
N PRO A 124 -5.50 6.81 -0.45
CA PRO A 124 -6.06 5.89 -1.45
C PRO A 124 -6.21 6.52 -2.83
N LEU A 125 -6.91 7.65 -2.89
CA LEU A 125 -7.24 8.29 -4.16
C LEU A 125 -6.05 8.97 -4.84
N GLY A 126 -5.24 9.69 -4.05
CA GLY A 126 -4.02 10.31 -4.56
C GLY A 126 -3.07 9.28 -5.13
N TYR A 127 -2.94 8.16 -4.41
CA TYR A 127 -2.15 7.03 -4.85
C TYR A 127 -2.69 6.46 -6.16
N GLN A 128 -3.98 6.16 -6.19
CA GLN A 128 -4.61 5.59 -7.38
C GLN A 128 -4.55 6.50 -8.62
N ALA A 129 -4.51 7.81 -8.41
CA ALA A 129 -4.36 8.77 -9.51
C ALA A 129 -2.93 8.78 -10.05
N PHE A 130 -1.95 8.71 -9.14
CA PHE A 130 -0.54 8.79 -9.50
C PHE A 130 0.04 7.46 -9.99
N ARG A 131 -0.52 6.36 -9.48
CA ARG A 131 -0.03 5.00 -9.71
C ARG A 131 -0.10 4.54 -11.17
N ARG A 132 0.98 3.94 -11.66
CA ARG A 132 1.01 3.24 -12.96
C ARG A 132 1.70 1.87 -12.80
N PRO A 133 1.18 0.83 -13.46
CA PRO A 133 1.73 -0.54 -13.38
C PRO A 133 3.24 -0.64 -13.68
N CYS A 134 3.73 0.18 -14.60
CA CYS A 134 5.14 0.18 -14.99
C CYS A 134 6.08 0.72 -13.90
N TYR A 135 5.53 1.48 -12.95
CA TYR A 135 6.32 1.98 -11.82
C TYR A 135 6.71 0.84 -10.89
N SER A 136 5.75 -0.07 -10.65
CA SER A 136 5.98 -1.24 -9.80
C SER A 136 7.14 -2.07 -10.31
N TRP A 137 7.11 -2.39 -11.60
CA TRP A 137 8.21 -3.09 -12.25
C TRP A 137 9.49 -2.28 -12.20
N GLY A 138 9.38 -0.97 -12.45
CA GLY A 138 10.53 -0.06 -12.37
C GLY A 138 11.23 -0.12 -11.04
N VAL A 139 10.44 -0.03 -9.96
CA VAL A 139 10.94 -0.16 -8.59
C VAL A 139 11.64 -1.51 -8.39
N CYS A 140 10.99 -2.58 -8.82
CA CYS A 140 11.54 -3.93 -8.73
C CYS A 140 12.87 -4.07 -9.48
N ALA A 141 12.92 -3.52 -10.68
CA ALA A 141 14.14 -3.50 -11.48
C ALA A 141 15.28 -2.77 -10.78
N ALA A 142 14.96 -1.59 -10.23
CA ALA A 142 15.94 -0.80 -9.47
C ALA A 142 16.48 -1.56 -8.28
N ILE A 143 15.64 -2.36 -7.63
CA ILE A 143 16.04 -3.20 -6.51
C ILE A 143 17.04 -4.27 -6.95
N TRP A 144 16.69 -5.05 -7.97
CA TRP A 144 17.61 -6.02 -8.56
C TRP A 144 18.91 -5.36 -8.97
N ALA A 145 18.81 -4.21 -9.64
CA ALA A 145 19.97 -3.48 -10.13
C ALA A 145 20.88 -3.07 -8.98
N LEU A 146 20.32 -2.35 -8.00
CA LEU A 146 21.09 -1.86 -6.86
C LEU A 146 21.78 -2.99 -6.09
N VAL A 147 21.03 -4.06 -5.81
CA VAL A 147 21.53 -5.20 -5.04
C VAL A 147 22.72 -5.87 -5.73
N LEU A 148 22.53 -6.26 -6.99
CA LEU A 148 23.57 -6.98 -7.73
C LEU A 148 24.81 -6.14 -8.02
N CYS A 149 24.61 -4.84 -8.26
CA CYS A 149 25.75 -3.92 -8.46
C CYS A 149 26.53 -3.70 -7.18
N HIS A 150 25.83 -3.53 -6.07
CA HIS A 150 26.46 -3.30 -4.77
C HIS A 150 27.19 -4.54 -4.27
N LEU A 151 26.52 -5.70 -4.33
CA LEU A 151 27.12 -6.97 -3.91
C LEU A 151 28.19 -7.46 -4.86
N GLY A 152 27.91 -7.38 -6.16
CA GLY A 152 28.82 -7.84 -7.20
C GLY A 152 30.16 -7.14 -7.13
N LEU A 153 30.13 -5.85 -6.86
CA LEU A 153 31.35 -5.06 -6.71
C LEU A 153 32.06 -5.32 -5.38
N VAL A 154 31.32 -5.24 -4.28
CA VAL A 154 31.88 -5.43 -2.95
C VAL A 154 32.47 -6.84 -2.73
N PHE A 155 31.70 -7.87 -3.08
CA PHE A 155 32.18 -9.25 -2.95
C PHE A 155 33.17 -9.65 -4.04
N GLY A 156 33.11 -8.96 -5.18
CA GLY A 156 34.01 -9.21 -6.30
C GLY A 156 35.40 -8.64 -6.08
N LEU A 157 35.47 -7.46 -5.48
CA LEU A 157 36.75 -6.81 -5.17
C LEU A 157 37.40 -7.40 -3.91
N GLU A 158 36.61 -7.52 -2.84
CA GLU A 158 37.07 -8.10 -1.58
C GLU A 158 36.23 -9.33 -1.20
N ALA A 159 36.82 -10.51 -1.34
CA ALA A 159 36.13 -11.77 -1.09
C ALA A 159 36.27 -12.24 0.37
N PRO A 181 39.88 -24.42 3.37
CA PRO A 181 39.05 -23.61 2.48
C PRO A 181 37.68 -23.29 3.10
N VAL A 182 37.50 -22.03 3.51
CA VAL A 182 36.27 -21.58 4.16
C VAL A 182 35.62 -20.48 3.31
N CYS A 183 34.30 -20.37 3.37
CA CYS A 183 33.57 -19.38 2.58
C CYS A 183 32.76 -18.39 3.43
N LEU A 184 31.45 -18.60 3.50
CA LEU A 184 30.53 -17.67 4.16
C LEU A 184 30.64 -17.65 5.69
N GLU A 185 31.14 -18.74 6.27
CA GLU A 185 31.26 -18.87 7.72
C GLU A 185 32.45 -18.08 8.28
N ALA A 186 33.39 -17.74 7.39
CA ALA A 186 34.59 -17.00 7.78
C ALA A 186 34.27 -15.56 8.16
N TRP A 187 35.05 -15.02 9.10
CA TRP A 187 34.98 -13.60 9.44
C TRP A 187 35.54 -12.78 8.29
N ASP A 188 34.99 -11.58 8.12
CA ASP A 188 35.56 -10.63 7.18
C ASP A 188 36.73 -9.90 7.85
N PRO A 189 37.83 -9.68 7.10
CA PRO A 189 38.96 -8.91 7.62
C PRO A 189 38.55 -7.48 7.92
N ALA A 190 39.15 -6.89 8.95
CA ALA A 190 38.80 -5.54 9.40
C ALA A 190 38.91 -4.47 8.30
N SER A 191 39.69 -4.77 7.26
CA SER A 191 39.85 -3.86 6.12
C SER A 191 38.61 -3.87 5.21
N ALA A 192 37.86 -4.96 5.25
CA ALA A 192 36.62 -5.11 4.47
C ALA A 192 35.42 -4.46 5.15
N GLY A 193 35.64 -3.90 6.34
CA GLY A 193 34.61 -3.22 7.13
C GLY A 193 33.78 -2.21 6.37
N PRO A 194 34.40 -1.06 5.97
CA PRO A 194 33.70 0.00 5.24
C PRO A 194 32.80 -0.50 4.10
N ALA A 195 33.29 -1.47 3.34
CA ALA A 195 32.53 -2.06 2.24
C ALA A 195 31.32 -2.88 2.72
N ARG A 196 31.56 -3.81 3.66
CA ARG A 196 30.47 -4.65 4.17
C ARG A 196 29.46 -3.85 4.97
N PHE A 197 29.93 -2.78 5.63
CA PHE A 197 29.05 -1.87 6.37
C PHE A 197 28.09 -1.15 5.41
N SER A 198 28.61 -0.75 4.25
CA SER A 198 27.81 -0.07 3.23
C SER A 198 26.72 -0.98 2.70
N LEU A 199 27.00 -2.29 2.66
CA LEU A 199 26.00 -3.29 2.28
C LEU A 199 24.85 -3.29 3.28
N SER A 200 25.18 -3.45 4.56
CA SER A 200 24.20 -3.48 5.63
C SER A 200 23.43 -2.17 5.75
N LEU A 201 24.16 -1.05 5.71
CA LEU A 201 23.58 0.28 5.80
C LEU A 201 22.54 0.50 4.70
N LEU A 202 22.96 0.30 3.45
CA LEU A 202 22.14 0.62 2.28
C LEU A 202 21.11 -0.46 1.93
N LEU A 203 21.53 -1.72 1.98
CA LEU A 203 20.70 -2.82 1.48
C LEU A 203 19.81 -3.50 2.52
N PHE A 204 20.00 -3.15 3.79
CA PHE A 204 19.10 -3.64 4.85
C PHE A 204 18.53 -2.55 5.76
N PHE A 205 19.40 -1.80 6.44
CA PHE A 205 18.97 -0.83 7.45
C PHE A 205 18.04 0.25 6.89
N LEU A 206 18.30 0.65 5.64
CA LEU A 206 17.48 1.65 4.97
C LEU A 206 16.09 1.10 4.61
N PRO A 207 16.02 -0.06 3.93
CA PRO A 207 14.71 -0.72 3.74
C PRO A 207 13.96 -0.94 5.04
N LEU A 208 14.68 -1.38 6.08
CA LEU A 208 14.07 -1.60 7.40
C LEU A 208 13.40 -0.33 7.92
N ALA A 209 14.16 0.75 8.02
CA ALA A 209 13.66 2.03 8.52
C ALA A 209 12.43 2.49 7.72
N ILE A 210 12.49 2.35 6.40
CA ILE A 210 11.38 2.69 5.52
C ILE A 210 10.15 1.80 5.77
N THR A 211 10.37 0.50 5.96
CA THR A 211 9.30 -0.42 6.31
C THR A 211 8.69 -0.06 7.67
N ALA A 212 9.54 0.31 8.63
CA ALA A 212 9.09 0.77 9.95
C ALA A 212 8.22 2.02 9.85
N PHE A 213 8.60 2.92 8.95
CA PHE A 213 7.83 4.13 8.66
C PHE A 213 6.46 3.78 8.08
N CYS A 214 6.45 2.83 7.15
CA CYS A 214 5.22 2.42 6.46
C CYS A 214 4.25 1.70 7.39
N PHE A 215 4.78 0.92 8.32
CA PHE A 215 3.94 0.21 9.29
C PHE A 215 3.30 1.18 10.28
N VAL A 216 4.07 2.18 10.70
CA VAL A 216 3.55 3.22 11.60
C VAL A 216 2.51 4.05 10.86
N GLY A 217 2.81 4.40 9.61
CA GLY A 217 1.87 5.12 8.75
C GLY A 217 0.57 4.37 8.53
N CYS A 218 0.66 3.05 8.37
CA CYS A 218 -0.51 2.18 8.24
C CYS A 218 -1.36 2.20 9.50
N LEU A 219 -0.71 2.15 10.66
CA LEU A 219 -1.42 2.24 11.94
C LEU A 219 -2.16 3.58 12.05
N ARG A 220 -1.47 4.65 11.66
CA ARG A 220 -2.06 6.00 11.63
C ARG A 220 -3.23 6.11 10.66
N ALA A 221 -3.10 5.45 9.50
CA ALA A 221 -4.17 5.42 8.50
C ALA A 221 -5.43 4.74 9.02
N LEU A 222 -5.28 3.66 9.78
CA LEU A 222 -6.41 2.98 10.42
C LEU A 222 -7.20 3.93 11.31
N ALA A 223 -6.48 4.70 12.11
CA ALA A 223 -7.08 5.65 13.04
C ALA A 223 -7.73 6.81 12.29
N ARG A 224 -7.09 7.26 11.21
CA ARG A 224 -7.56 8.40 10.42
C ARG A 224 -8.85 8.15 9.66
N GLY A 225 -9.19 6.87 9.44
CA GLY A 225 -10.38 6.50 8.68
C GLY A 225 -10.46 7.22 7.35
N SER A 226 -11.65 7.72 7.02
CA SER A 226 -11.86 8.45 5.76
C SER A 226 -12.76 9.67 5.97
N ASN A 227 -12.76 10.57 5.00
CA ASN A 227 -13.53 11.79 5.10
C ASN A 227 -14.44 12.04 3.89
N ILE A 228 -15.25 13.09 4.00
CA ILE A 228 -16.23 13.46 2.96
C ILE A 228 -15.61 13.76 1.59
N PHE A 229 -14.43 14.38 1.58
CA PHE A 229 -13.76 14.73 0.32
C PHE A 229 -13.43 13.51 -0.52
N GLU A 230 -12.94 12.45 0.13
CA GLU A 230 -12.63 11.19 -0.54
C GLU A 230 -13.90 10.53 -1.09
N MET A 231 -14.93 10.51 -0.26
CA MET A 231 -16.24 9.94 -0.59
C MET A 231 -16.82 10.52 -1.89
N LEU A 232 -16.85 11.86 -1.96
CA LEU A 232 -17.38 12.56 -3.12
C LEU A 232 -16.49 12.43 -4.36
N ARG A 233 -15.18 12.36 -4.13
CA ARG A 233 -14.22 12.12 -5.20
C ARG A 233 -14.49 10.80 -5.93
N ILE A 234 -14.89 9.79 -5.17
CA ILE A 234 -15.23 8.48 -5.73
C ILE A 234 -16.58 8.54 -6.45
N ASP A 235 -17.59 9.15 -5.80
CA ASP A 235 -18.94 9.22 -6.34
C ASP A 235 -19.05 10.07 -7.61
N GLU A 236 -18.38 11.22 -7.62
CA GLU A 236 -18.49 12.15 -8.74
C GLU A 236 -17.48 11.86 -9.85
N GLY A 237 -16.36 11.23 -9.51
CA GLY A 237 -15.28 10.98 -10.45
C GLY A 237 -14.55 12.25 -10.84
N LEU A 238 -13.80 12.19 -11.94
CA LEU A 238 -13.05 13.35 -12.42
C LEU A 238 -12.97 13.39 -13.95
N ARG A 239 -13.51 14.47 -14.52
CA ARG A 239 -13.46 14.71 -15.95
C ARG A 239 -13.03 16.14 -16.22
N LEU A 240 -12.16 16.32 -17.20
CA LEU A 240 -11.63 17.65 -17.54
C LEU A 240 -12.43 18.33 -18.66
N LYS A 241 -13.28 17.57 -19.35
CA LYS A 241 -14.15 18.09 -20.41
C LYS A 241 -15.55 18.30 -19.86
N ILE A 242 -16.31 19.21 -20.46
CA ILE A 242 -17.72 19.39 -20.12
C ILE A 242 -18.50 18.16 -20.56
N TYR A 243 -19.29 17.61 -19.63
CA TYR A 243 -20.11 16.43 -19.89
C TYR A 243 -21.52 16.63 -19.31
N LYS A 244 -22.40 15.67 -19.57
CA LYS A 244 -23.75 15.69 -19.02
C LYS A 244 -23.89 14.65 -17.92
N ASP A 245 -24.45 15.05 -16.79
CA ASP A 245 -24.72 14.11 -15.69
C ASP A 245 -25.95 13.25 -16.01
N THR A 246 -26.37 12.43 -15.05
CA THR A 246 -27.51 11.51 -15.25
C THR A 246 -28.82 12.28 -15.46
N GLU A 247 -28.90 13.47 -14.88
CA GLU A 247 -30.07 14.36 -15.05
C GLU A 247 -30.01 15.13 -16.38
N GLY A 248 -28.87 15.04 -17.07
CA GLY A 248 -28.72 15.64 -18.38
C GLY A 248 -28.14 17.04 -18.39
N TYR A 249 -27.80 17.55 -17.22
CA TYR A 249 -27.25 18.90 -17.07
C TYR A 249 -25.75 18.98 -17.36
N TYR A 250 -25.31 20.14 -17.84
CA TYR A 250 -23.89 20.38 -18.12
C TYR A 250 -23.06 20.46 -16.84
N THR A 251 -21.99 19.67 -16.82
CA THR A 251 -21.19 19.42 -15.62
C THR A 251 -19.71 19.33 -16.00
N ILE A 252 -18.83 19.70 -15.07
CA ILE A 252 -17.39 19.57 -15.27
C ILE A 252 -16.69 19.32 -13.93
N GLY A 253 -15.42 18.91 -14.00
CA GLY A 253 -14.58 18.70 -12.81
C GLY A 253 -15.05 17.53 -11.98
N ILE A 254 -15.05 17.73 -10.67
CA ILE A 254 -15.57 16.72 -9.74
C ILE A 254 -17.04 17.06 -9.43
N GLY A 255 -17.91 16.74 -10.39
CA GLY A 255 -19.35 16.91 -10.24
C GLY A 255 -19.84 18.34 -10.04
N HIS A 256 -19.12 19.31 -10.60
CA HIS A 256 -19.55 20.69 -10.52
C HIS A 256 -20.63 20.98 -11.56
N LEU A 257 -21.80 21.39 -11.08
CA LEU A 257 -22.89 21.81 -11.95
C LEU A 257 -22.60 23.21 -12.51
N LEU A 258 -22.58 23.31 -13.84
CA LEU A 258 -22.31 24.59 -14.51
C LEU A 258 -23.58 25.40 -14.75
N THR A 259 -24.56 24.77 -15.38
CA THR A 259 -25.84 25.41 -15.69
C THR A 259 -26.95 24.39 -15.90
N LYS A 260 -28.18 24.81 -15.65
CA LYS A 260 -29.35 23.98 -15.95
C LYS A 260 -29.89 24.28 -17.35
N SER A 261 -29.32 25.30 -17.97
CA SER A 261 -29.63 25.69 -19.35
C SER A 261 -29.18 24.62 -20.33
N PRO A 262 -30.00 24.35 -21.37
CA PRO A 262 -29.64 23.39 -22.41
C PRO A 262 -28.57 23.89 -23.38
N SER A 263 -28.18 25.16 -23.24
CA SER A 263 -27.18 25.78 -24.12
C SER A 263 -25.76 25.47 -23.68
N LEU A 264 -25.00 24.83 -24.56
CA LEU A 264 -23.58 24.52 -24.31
C LEU A 264 -22.74 25.79 -24.22
N ASN A 265 -23.14 26.82 -24.95
CA ASN A 265 -22.46 28.12 -24.91
C ASN A 265 -22.68 28.85 -23.58
N ALA A 266 -23.84 28.63 -22.97
CA ALA A 266 -24.13 29.17 -21.64
C ALA A 266 -23.31 28.44 -20.57
N ALA A 267 -23.00 27.17 -20.84
CA ALA A 267 -22.16 26.36 -19.95
C ALA A 267 -20.70 26.80 -20.03
N LYS A 268 -20.23 27.07 -21.26
CA LYS A 268 -18.88 27.55 -21.48
C LYS A 268 -18.67 28.94 -20.91
N SER A 269 -19.75 29.72 -20.84
CA SER A 269 -19.73 31.06 -20.25
C SER A 269 -19.66 30.99 -18.72
N GLU A 270 -20.41 30.06 -18.14
CA GLU A 270 -20.45 29.88 -16.68
C GLU A 270 -19.16 29.25 -16.15
N LEU A 271 -18.50 28.50 -17.03
CA LEU A 271 -17.21 27.88 -16.72
C LEU A 271 -16.09 28.91 -16.64
N ASP A 272 -16.14 29.91 -17.52
CA ASP A 272 -15.16 30.98 -17.55
C ASP A 272 -15.38 31.98 -16.40
N LYS A 273 -16.60 32.03 -15.89
CA LYS A 273 -16.92 32.81 -14.71
C LYS A 273 -16.34 32.14 -13.47
N ALA A 274 -16.52 30.82 -13.39
CA ALA A 274 -16.11 30.03 -12.23
C ALA A 274 -14.61 30.00 -12.00
N ILE A 275 -13.85 30.19 -13.08
CA ILE A 275 -12.38 30.14 -13.01
C ILE A 275 -11.77 31.52 -13.24
N GLY A 276 -12.46 32.37 -13.99
CA GLY A 276 -11.96 33.71 -14.31
C GLY A 276 -10.88 33.62 -15.36
N ARG A 277 -11.20 32.99 -16.48
CA ARG A 277 -10.24 32.71 -17.55
C ARG A 277 -10.93 31.91 -18.67
N ASN A 278 -10.59 32.23 -19.92
CA ASN A 278 -11.13 31.51 -21.08
C ASN A 278 -10.59 30.08 -21.14
N THR A 279 -11.49 29.12 -21.00
CA THR A 279 -11.11 27.71 -20.87
C THR A 279 -11.41 26.91 -22.12
N ASN A 280 -12.46 27.31 -22.84
CA ASN A 280 -12.95 26.61 -24.03
C ASN A 280 -13.30 25.14 -23.76
N GLY A 281 -13.96 24.90 -22.63
CA GLY A 281 -14.48 23.58 -22.29
C GLY A 281 -13.50 22.57 -21.69
N VAL A 282 -12.29 23.04 -21.36
CA VAL A 282 -11.26 22.17 -20.78
C VAL A 282 -10.54 22.83 -19.58
N ILE A 283 -10.36 22.06 -18.51
CA ILE A 283 -9.68 22.52 -17.30
C ILE A 283 -8.57 21.57 -16.85
N THR A 284 -7.76 22.00 -15.89
CA THR A 284 -6.70 21.16 -15.32
C THR A 284 -7.20 20.50 -14.03
N LYS A 285 -6.44 19.53 -13.55
CA LYS A 285 -6.77 18.86 -12.29
C LYS A 285 -6.78 19.86 -11.13
N ASP A 286 -5.83 20.79 -11.13
CA ASP A 286 -5.71 21.81 -10.08
C ASP A 286 -6.96 22.69 -10.00
N GLU A 287 -7.45 23.12 -11.16
CA GLU A 287 -8.65 23.94 -11.24
C GLU A 287 -9.90 23.19 -10.83
N ALA A 288 -9.94 21.89 -11.16
CA ALA A 288 -11.04 21.01 -10.76
C ALA A 288 -11.13 20.86 -9.24
N GLU A 289 -9.97 20.66 -8.61
CA GLU A 289 -9.90 20.48 -7.16
C GLU A 289 -10.27 21.76 -6.40
N LYS A 290 -9.97 22.91 -6.99
CA LYS A 290 -10.34 24.21 -6.40
C LYS A 290 -11.85 24.44 -6.44
N LEU A 291 -12.48 24.08 -7.55
CA LEU A 291 -13.95 24.14 -7.67
C LEU A 291 -14.62 23.13 -6.74
N PHE A 292 -13.94 22.00 -6.52
CA PHE A 292 -14.43 20.93 -5.65
C PHE A 292 -14.56 21.37 -4.19
N ASN A 293 -13.55 22.06 -3.68
CA ASN A 293 -13.57 22.58 -2.30
C ASN A 293 -14.63 23.68 -2.08
N GLN A 294 -14.83 24.51 -3.10
CA GLN A 294 -15.87 25.55 -3.07
C GLN A 294 -17.27 24.95 -3.06
N ASP A 295 -17.45 23.86 -3.81
CA ASP A 295 -18.73 23.18 -3.92
C ASP A 295 -19.07 22.39 -2.66
N VAL A 296 -18.06 21.76 -2.06
CA VAL A 296 -18.20 21.07 -0.78
C VAL A 296 -18.56 22.10 0.29
N ASP A 297 -17.87 23.25 0.25
CA ASP A 297 -18.16 24.37 1.13
C ASP A 297 -19.61 24.83 0.95
N ALA A 298 -20.01 25.02 -0.30
CA ALA A 298 -21.37 25.45 -0.66
C ALA A 298 -22.41 24.43 -0.19
N ALA A 299 -22.12 23.15 -0.37
CA ALA A 299 -23.01 22.08 0.09
C ALA A 299 -23.16 22.07 1.61
N VAL A 300 -22.07 22.39 2.31
CA VAL A 300 -22.09 22.46 3.77
C VAL A 300 -22.86 23.70 4.22
N ARG A 301 -22.52 24.86 3.68
CA ARG A 301 -23.20 26.12 4.02
C ARG A 301 -24.70 26.09 3.72
N GLY A 302 -25.08 25.33 2.68
CA GLY A 302 -26.48 25.11 2.35
C GLY A 302 -27.22 24.37 3.45
N ILE A 303 -26.55 23.38 4.04
CA ILE A 303 -27.10 22.61 5.15
C ILE A 303 -27.20 23.47 6.41
N LEU A 304 -26.20 24.33 6.62
CA LEU A 304 -26.11 25.15 7.83
C LEU A 304 -27.23 26.18 7.92
N ARG A 305 -27.66 26.70 6.77
CA ARG A 305 -28.75 27.68 6.73
C ARG A 305 -30.13 27.06 6.47
N ASN A 306 -30.19 25.73 6.40
CA ASN A 306 -31.46 25.03 6.20
C ASN A 306 -32.06 24.56 7.53
N ALA A 307 -33.30 24.97 7.78
CA ALA A 307 -34.00 24.66 9.02
C ALA A 307 -34.39 23.19 9.15
N LYS A 308 -34.54 22.52 8.02
CA LYS A 308 -35.01 21.15 8.00
C LYS A 308 -33.86 20.15 7.93
N LEU A 309 -32.70 20.63 7.47
CA LEU A 309 -31.51 19.79 7.33
C LEU A 309 -30.58 19.90 8.53
N LYS A 310 -30.56 21.07 9.16
CA LYS A 310 -29.60 21.37 10.23
C LYS A 310 -29.76 20.56 11.53
N PRO A 311 -31.02 20.30 11.97
CA PRO A 311 -31.17 19.43 13.14
C PRO A 311 -30.57 18.03 12.93
N VAL A 312 -30.67 17.51 11.72
CA VAL A 312 -30.14 16.17 11.41
C VAL A 312 -28.61 16.21 11.34
N TYR A 313 -28.10 17.20 10.62
CA TYR A 313 -26.65 17.46 10.56
C TYR A 313 -26.02 17.50 11.95
N ASP A 314 -26.62 18.26 12.86
CA ASP A 314 -26.12 18.42 14.22
C ASP A 314 -26.08 17.12 15.03
N SER A 315 -27.04 16.22 14.77
CA SER A 315 -27.20 15.01 15.57
C SER A 315 -26.37 13.81 15.07
N LEU A 316 -25.80 13.92 13.89
CA LEU A 316 -25.07 12.82 13.28
C LEU A 316 -23.59 12.81 13.64
N ASP A 317 -22.96 11.65 13.47
CA ASP A 317 -21.51 11.51 13.54
C ASP A 317 -20.94 11.93 12.18
N ALA A 318 -19.61 12.01 12.08
CA ALA A 318 -18.94 12.52 10.89
C ALA A 318 -19.17 11.68 9.64
N VAL A 319 -19.29 10.37 9.81
CA VAL A 319 -19.44 9.46 8.68
C VAL A 319 -20.85 9.61 8.12
N ARG A 320 -21.84 9.57 9.01
CA ARG A 320 -23.24 9.76 8.63
C ARG A 320 -23.50 11.19 8.15
N ARG A 321 -22.73 12.13 8.68
CA ARG A 321 -22.72 13.50 8.19
C ARG A 321 -22.26 13.56 6.74
N ALA A 322 -21.20 12.79 6.43
CA ALA A 322 -20.66 12.73 5.09
C ALA A 322 -21.72 12.29 4.09
N ALA A 323 -22.55 11.33 4.50
CA ALA A 323 -23.64 10.84 3.67
C ALA A 323 -24.68 11.94 3.37
N LEU A 324 -25.01 12.75 4.37
CA LEU A 324 -25.94 13.87 4.19
C LEU A 324 -25.38 14.91 3.23
N ILE A 325 -24.10 15.25 3.40
CA ILE A 325 -23.42 16.22 2.53
C ILE A 325 -23.41 15.73 1.08
N ASN A 326 -23.19 14.43 0.90
CA ASN A 326 -23.20 13.82 -0.42
C ASN A 326 -24.52 14.03 -1.15
N MET A 327 -25.62 13.93 -0.41
CA MET A 327 -26.96 14.15 -0.96
C MET A 327 -27.13 15.60 -1.39
N VAL A 328 -26.80 16.52 -0.49
CA VAL A 328 -26.95 17.96 -0.75
C VAL A 328 -26.00 18.41 -1.84
N PHE A 329 -24.88 17.70 -1.98
CA PHE A 329 -23.95 17.93 -3.08
C PHE A 329 -24.61 17.56 -4.40
N GLN A 330 -25.37 16.47 -4.41
CA GLN A 330 -25.96 15.95 -5.64
C GLN A 330 -27.27 16.64 -6.00
N MET A 331 -28.07 16.98 -4.99
CA MET A 331 -29.43 17.48 -5.20
C MET A 331 -29.65 18.94 -4.80
N GLY A 332 -28.79 19.48 -3.95
CA GLY A 332 -28.99 20.82 -3.39
C GLY A 332 -29.76 20.73 -2.08
N GLU A 333 -29.81 21.84 -1.34
CA GLU A 333 -30.43 21.85 -0.01
C GLU A 333 -31.96 21.67 0.00
N THR A 334 -32.66 22.31 -0.94
CA THR A 334 -34.12 22.24 -1.03
C THR A 334 -34.58 20.82 -1.38
N GLY A 335 -33.91 20.21 -2.35
CA GLY A 335 -34.17 18.83 -2.74
C GLY A 335 -34.05 17.86 -1.59
N VAL A 336 -32.99 17.99 -0.81
CA VAL A 336 -32.75 17.07 0.31
C VAL A 336 -33.65 17.42 1.50
N ALA A 337 -34.03 18.69 1.61
CA ALA A 337 -34.95 19.15 2.65
C ALA A 337 -36.31 18.45 2.59
N GLY A 338 -36.72 18.08 1.37
CA GLY A 338 -38.01 17.42 1.14
C GLY A 338 -38.10 15.96 1.56
N PHE A 339 -36.98 15.36 1.93
CA PHE A 339 -36.95 13.97 2.41
C PHE A 339 -37.43 13.88 3.87
N THR A 340 -38.51 14.59 4.17
CA THR A 340 -39.02 14.77 5.53
C THR A 340 -38.94 13.51 6.40
N ASN A 341 -39.54 12.44 5.92
CA ASN A 341 -39.60 11.18 6.66
C ASN A 341 -38.21 10.66 7.02
N SER A 342 -37.38 10.46 6.01
CA SER A 342 -36.03 9.94 6.19
C SER A 342 -35.20 10.79 7.15
N LEU A 343 -35.30 12.11 7.00
CA LEU A 343 -34.58 13.05 7.85
C LEU A 343 -34.97 12.90 9.33
N ARG A 344 -36.26 12.75 9.58
CA ARG A 344 -36.77 12.56 10.94
C ARG A 344 -36.29 11.25 11.55
N MET A 345 -36.30 10.18 10.75
CA MET A 345 -35.84 8.86 11.20
C MET A 345 -34.34 8.84 11.48
N LEU A 346 -33.59 9.65 10.74
CA LEU A 346 -32.15 9.77 10.94
C LEU A 346 -31.83 10.52 12.23
N GLN A 347 -32.69 11.48 12.57
CA GLN A 347 -32.54 12.27 13.79
C GLN A 347 -32.79 11.43 15.04
N GLN A 348 -33.64 10.41 14.89
CA GLN A 348 -33.98 9.50 15.99
C GLN A 348 -33.13 8.23 15.98
N LYS A 349 -32.05 8.25 15.19
CA LYS A 349 -31.09 7.14 15.07
C LYS A 349 -31.71 5.83 14.59
N ARG A 350 -32.83 5.93 13.89
CA ARG A 350 -33.52 4.77 13.34
C ARG A 350 -32.92 4.43 11.98
N TRP A 351 -31.73 3.86 12.00
CA TRP A 351 -30.90 3.69 10.80
C TRP A 351 -31.54 2.81 9.71
N ASP A 352 -32.10 1.68 10.13
CA ASP A 352 -32.68 0.69 9.19
C ASP A 352 -33.93 1.21 8.50
N GLU A 353 -34.83 1.83 9.28
CA GLU A 353 -36.03 2.48 8.75
C GLU A 353 -35.68 3.58 7.74
N ALA A 354 -34.71 4.40 8.10
CA ALA A 354 -34.25 5.49 7.25
C ALA A 354 -33.74 4.96 5.91
N ALA A 355 -32.93 3.89 5.98
CA ALA A 355 -32.37 3.24 4.81
C ALA A 355 -33.46 2.79 3.85
N VAL A 356 -34.45 2.06 4.40
CA VAL A 356 -35.60 1.57 3.63
C VAL A 356 -36.36 2.73 2.98
N ASN A 357 -36.58 3.81 3.74
CA ASN A 357 -37.27 5.00 3.23
C ASN A 357 -36.57 5.67 2.06
N LEU A 358 -35.29 5.97 2.23
CA LEU A 358 -34.49 6.64 1.20
C LEU A 358 -34.50 5.86 -0.12
N ALA A 359 -34.70 4.55 -0.02
CA ALA A 359 -34.71 3.67 -1.19
C ALA A 359 -35.98 3.78 -2.03
N LYS A 360 -37.01 4.42 -1.47
CA LYS A 360 -38.28 4.60 -2.18
C LYS A 360 -38.27 5.84 -3.08
N SER A 361 -37.14 6.56 -3.08
CA SER A 361 -37.04 7.85 -3.76
C SER A 361 -36.63 7.75 -5.23
N ARG A 362 -36.94 8.80 -5.99
CA ARG A 362 -36.48 8.97 -7.37
C ARG A 362 -34.95 8.92 -7.42
N TRP A 363 -34.33 9.51 -6.40
CA TRP A 363 -32.88 9.53 -6.22
C TRP A 363 -32.28 8.13 -6.31
N TYR A 364 -32.91 7.16 -5.65
CA TYR A 364 -32.44 5.79 -5.67
C TYR A 364 -32.54 5.15 -7.06
N ASN A 365 -33.63 5.41 -7.76
CA ASN A 365 -33.87 4.82 -9.07
C ASN A 365 -32.95 5.37 -10.15
N GLN A 366 -32.62 6.66 -10.06
CA GLN A 366 -31.82 7.32 -11.09
C GLN A 366 -30.32 7.06 -10.98
N THR A 367 -29.80 6.95 -9.76
CA THR A 367 -28.40 6.61 -9.54
C THR A 367 -28.29 5.56 -8.43
N PRO A 368 -28.59 4.28 -8.75
CA PRO A 368 -28.71 3.21 -7.76
C PRO A 368 -27.41 2.90 -7.00
N ASN A 369 -26.31 2.72 -7.73
CA ASN A 369 -25.01 2.41 -7.12
C ASN A 369 -24.56 3.46 -6.11
N ARG A 370 -24.65 4.73 -6.51
CA ARG A 370 -24.28 5.85 -5.66
C ARG A 370 -25.20 5.96 -4.44
N ALA A 371 -26.50 5.80 -4.67
CA ALA A 371 -27.50 5.88 -3.61
C ALA A 371 -27.34 4.79 -2.57
N LYS A 372 -27.04 3.57 -3.04
CA LYS A 372 -26.84 2.41 -2.17
C LYS A 372 -25.65 2.63 -1.23
N ARG A 373 -24.59 3.24 -1.76
CA ARG A 373 -23.40 3.54 -0.98
C ARG A 373 -23.70 4.57 0.11
N VAL A 374 -24.38 5.66 -0.27
CA VAL A 374 -24.76 6.72 0.65
C VAL A 374 -25.72 6.18 1.72
N ILE A 375 -26.65 5.33 1.29
CA ILE A 375 -27.59 4.66 2.21
C ILE A 375 -26.85 3.72 3.20
N THR A 376 -25.91 2.94 2.69
CA THR A 376 -25.11 2.04 3.52
C THR A 376 -24.29 2.83 4.54
N THR A 377 -23.71 3.93 4.08
CA THR A 377 -22.98 4.86 4.95
C THR A 377 -23.88 5.37 6.07
N PHE A 378 -25.08 5.84 5.69
CA PHE A 378 -26.06 6.32 6.66
C PHE A 378 -26.39 5.28 7.72
N ARG A 379 -26.65 4.05 7.27
CA ARG A 379 -27.09 2.97 8.13
C ARG A 379 -26.01 2.53 9.11
N THR A 380 -24.82 2.23 8.59
CA THR A 380 -23.75 1.62 9.37
C THR A 380 -22.85 2.63 10.07
N GLY A 381 -22.69 3.80 9.46
CA GLY A 381 -21.75 4.81 9.98
C GLY A 381 -20.32 4.42 9.74
N THR A 382 -20.09 3.51 8.79
CA THR A 382 -18.75 3.10 8.38
C THR A 382 -18.55 3.41 6.90
N TRP A 383 -17.36 3.11 6.38
CA TRP A 383 -17.06 3.33 4.97
C TRP A 383 -17.10 2.03 4.15
N ASP A 384 -17.73 0.99 4.71
CA ASP A 384 -17.79 -0.35 4.12
C ASP A 384 -18.22 -0.37 2.64
N ALA A 385 -19.09 0.56 2.25
CA ALA A 385 -19.61 0.63 0.89
C ALA A 385 -18.57 1.11 -0.14
N TYR A 386 -17.51 1.76 0.34
CA TYR A 386 -16.49 2.34 -0.53
C TYR A 386 -15.21 1.51 -0.57
N GLY A 387 -15.11 0.66 -1.59
CA GLY A 387 -14.05 -0.34 -1.74
C GLY A 387 -12.64 0.10 -1.38
N SER A 388 -12.25 1.29 -1.85
CA SER A 388 -10.89 1.78 -1.64
C SER A 388 -10.72 2.63 -0.37
N LEU A 389 -11.79 2.74 0.43
CA LEU A 389 -11.77 3.51 1.65
C LEU A 389 -12.07 2.67 2.88
N THR A 390 -12.46 1.42 2.64
CA THR A 390 -12.92 0.54 3.72
C THR A 390 -11.87 0.28 4.81
N HIS A 391 -12.36 0.08 6.04
CA HIS A 391 -11.53 -0.20 7.21
C HIS A 391 -10.71 -1.48 7.05
N ARG A 392 -11.32 -2.50 6.44
CA ARG A 392 -10.64 -3.78 6.21
C ARG A 392 -9.41 -3.64 5.32
N ARG A 393 -9.54 -2.85 4.24
CA ARG A 393 -8.44 -2.59 3.32
CA ARG A 393 -8.43 -2.60 3.33
C ARG A 393 -7.25 -1.97 4.06
N LYS A 394 -7.56 -1.06 4.99
CA LYS A 394 -6.57 -0.41 5.82
C LYS A 394 -5.98 -1.38 6.85
N LEU A 395 -6.80 -2.32 7.29
CA LEU A 395 -6.39 -3.36 8.24
C LEU A 395 -5.43 -4.37 7.60
N ARG A 396 -5.71 -4.77 6.36
CA ARG A 396 -4.84 -5.69 5.62
C ARG A 396 -3.48 -5.07 5.32
N ALA A 397 -3.46 -3.75 5.08
CA ALA A 397 -2.21 -3.03 4.85
C ALA A 397 -1.34 -3.03 6.10
N ALA A 398 -1.97 -2.78 7.25
CA ALA A 398 -1.30 -2.81 8.54
C ALA A 398 -0.68 -4.18 8.85
N TRP A 399 -1.42 -5.24 8.55
CA TRP A 399 -0.95 -6.60 8.76
C TRP A 399 0.18 -7.01 7.81
N VAL A 400 0.05 -6.62 6.54
CA VAL A 400 1.10 -6.89 5.55
C VAL A 400 2.39 -6.18 5.94
N ALA A 401 2.29 -4.87 6.23
CA ALA A 401 3.43 -4.07 6.64
C ALA A 401 4.08 -4.58 7.92
N GLY A 402 3.24 -4.97 8.88
CA GLY A 402 3.69 -5.51 10.17
C GLY A 402 4.41 -6.85 10.02
N GLY A 403 3.82 -7.72 9.22
CA GLY A 403 4.45 -8.98 8.85
C GLY A 403 5.78 -8.75 8.16
N ALA A 404 5.80 -7.77 7.25
CA ALA A 404 7.02 -7.40 6.53
C ALA A 404 8.11 -6.89 7.47
N LEU A 405 7.75 -5.97 8.36
CA LEU A 405 8.69 -5.42 9.33
C LEU A 405 9.30 -6.50 10.21
N LEU A 406 8.43 -7.38 10.72
CA LEU A 406 8.85 -8.46 11.62
C LEU A 406 9.81 -9.46 10.93
N THR A 407 9.46 -9.87 9.70
CA THR A 407 10.29 -10.84 8.96
C THR A 407 11.61 -10.22 8.48
N LEU A 408 11.63 -8.90 8.35
CA LEU A 408 12.87 -8.16 8.12
C LEU A 408 13.74 -8.18 9.36
N LEU A 409 13.13 -7.92 10.52
CA LEU A 409 13.85 -7.93 11.79
C LEU A 409 14.43 -9.30 12.13
N LEU A 410 13.63 -10.35 11.91
CA LEU A 410 13.97 -11.69 12.38
C LEU A 410 14.82 -12.54 11.42
N CYS A 411 14.74 -12.26 10.12
CA CYS A 411 15.41 -13.07 9.12
C CYS A 411 16.69 -12.44 8.59
N VAL A 412 16.54 -11.36 7.82
CA VAL A 412 17.70 -10.62 7.29
C VAL A 412 18.36 -9.72 8.33
N GLY A 413 17.62 -9.43 9.40
CA GLY A 413 18.07 -8.56 10.47
C GLY A 413 19.30 -9.02 11.23
N PRO A 414 19.22 -10.21 11.87
CA PRO A 414 20.27 -10.70 12.76
C PRO A 414 21.66 -10.79 12.13
N TYR A 415 21.75 -11.19 10.87
CA TYR A 415 23.04 -11.27 10.19
C TYR A 415 23.72 -9.90 10.07
N ASN A 416 23.02 -8.94 9.49
CA ASN A 416 23.56 -7.59 9.27
C ASN A 416 23.90 -6.88 10.58
N ALA A 417 23.09 -7.09 11.61
CA ALA A 417 23.34 -6.54 12.93
C ALA A 417 24.65 -7.08 13.52
N SER A 418 24.92 -8.36 13.28
CA SER A 418 26.10 -9.03 13.80
C SER A 418 27.35 -8.87 12.93
N ASN A 419 27.15 -8.72 11.63
CA ASN A 419 28.27 -8.55 10.70
C ASN A 419 28.92 -7.18 10.82
N VAL A 420 28.11 -6.14 11.03
CA VAL A 420 28.63 -4.80 11.34
C VAL A 420 29.29 -4.81 12.72
N ALA A 421 28.69 -5.55 13.65
CA ALA A 421 29.21 -5.68 15.01
C ALA A 421 30.40 -6.65 15.09
N SER A 422 30.91 -7.07 13.93
CA SER A 422 32.11 -7.91 13.90
C SER A 422 33.37 -7.07 13.66
N PHE A 423 33.22 -5.95 12.96
CA PHE A 423 34.32 -5.03 12.69
C PHE A 423 34.62 -4.15 13.90
N LEU A 424 33.58 -3.73 14.58
CA LEU A 424 33.68 -3.24 15.95
C LEU A 424 33.62 -4.49 16.83
N TYR A 425 34.15 -4.42 18.05
CA TYR A 425 34.13 -5.54 19.00
C TYR A 425 34.81 -6.83 18.46
N PRO A 426 36.15 -6.87 18.49
CA PRO A 426 36.85 -8.09 18.03
C PRO A 426 36.67 -9.30 18.95
N ASN A 427 35.92 -9.12 20.03
CA ASN A 427 35.61 -10.19 20.99
C ASN A 427 34.38 -11.03 20.62
N LEU A 428 33.64 -10.55 19.63
CA LEU A 428 32.36 -11.14 19.22
C LEU A 428 32.44 -12.64 18.97
N GLY A 429 31.44 -13.36 19.47
CA GLY A 429 31.34 -14.80 19.28
C GLY A 429 30.94 -15.18 17.87
N GLY A 430 31.43 -16.32 17.42
CA GLY A 430 31.17 -16.82 16.06
C GLY A 430 29.75 -17.28 15.79
N SER A 431 29.04 -17.66 16.84
CA SER A 431 27.69 -18.23 16.71
C SER A 431 26.62 -17.22 16.29
N TRP A 432 26.91 -15.93 16.48
CA TRP A 432 25.95 -14.87 16.14
C TRP A 432 25.79 -14.70 14.63
N ARG A 433 26.89 -14.75 13.90
CA ARG A 433 26.85 -14.68 12.43
C ARG A 433 26.29 -15.97 11.83
N LYS A 434 26.62 -17.10 12.45
CA LYS A 434 26.14 -18.41 12.00
C LYS A 434 24.62 -18.53 12.13
N LEU A 435 24.08 -18.01 13.24
CA LEU A 435 22.64 -17.96 13.46
C LEU A 435 21.96 -17.05 12.44
N GLY A 436 22.57 -15.88 12.19
CA GLY A 436 22.04 -14.90 11.24
C GLY A 436 21.89 -15.44 9.83
N LEU A 437 22.83 -16.29 9.43
CA LEU A 437 22.78 -16.96 8.13
C LEU A 437 21.63 -17.97 8.08
N ILE A 438 21.35 -18.62 9.22
CA ILE A 438 20.24 -19.57 9.32
C ILE A 438 18.89 -18.84 9.25
N THR A 439 18.73 -17.81 10.08
CA THR A 439 17.49 -17.03 10.10
C THR A 439 17.23 -16.36 8.75
N GLY A 440 18.30 -15.85 8.13
CA GLY A 440 18.24 -15.25 6.79
C GLY A 440 17.74 -16.21 5.73
N ALA A 441 18.22 -17.45 5.79
CA ALA A 441 17.75 -18.50 4.91
C ALA A 441 16.25 -18.75 5.06
N TRP A 442 15.74 -18.65 6.28
CA TRP A 442 14.33 -18.88 6.58
C TRP A 442 13.37 -17.83 6.03
N SER A 443 13.90 -16.76 5.43
CA SER A 443 13.07 -15.75 4.80
C SER A 443 12.28 -16.31 3.62
N VAL A 444 12.77 -17.39 3.01
CA VAL A 444 12.04 -18.07 1.93
C VAL A 444 10.75 -18.74 2.44
N VAL A 445 10.64 -18.91 3.75
CA VAL A 445 9.44 -19.44 4.38
C VAL A 445 8.54 -18.28 4.82
N LEU A 446 9.15 -17.29 5.48
CA LEU A 446 8.41 -16.14 6.01
C LEU A 446 7.89 -15.23 4.91
N ASN A 447 8.75 -14.86 3.97
CA ASN A 447 8.40 -13.92 2.88
C ASN A 447 7.11 -14.23 2.12
N PRO A 448 6.93 -15.49 1.66
CA PRO A 448 5.67 -15.77 0.95
C PRO A 448 4.42 -15.69 1.84
N LEU A 449 4.60 -15.81 3.15
CA LEU A 449 3.47 -15.79 4.06
C LEU A 449 2.85 -14.39 4.25
N VAL A 450 3.69 -13.36 4.21
CA VAL A 450 3.23 -11.99 4.49
C VAL A 450 2.41 -11.38 3.34
N THR A 451 2.60 -11.90 2.13
CA THR A 451 1.90 -11.39 0.94
C THR A 451 0.43 -11.80 0.91
N GLY A 452 0.16 -13.02 1.36
CA GLY A 452 -1.22 -13.53 1.46
C GLY A 452 -1.75 -14.16 0.19
N TYR A 453 -0.92 -14.92 -0.51
CA TYR A 453 -1.33 -15.60 -1.75
C TYR A 453 -1.18 -17.11 -1.63
#